data_3TFP
#
_entry.id   3TFP
#
_cell.length_a   80.246
_cell.length_b   80.246
_cell.length_c   92.196
_cell.angle_alpha   90.00
_cell.angle_beta   90.00
_cell.angle_gamma   120.00
#
_symmetry.space_group_name_H-M   'P 32 2 1'
#
loop_
_entity.id
_entity.type
_entity.pdbx_description
1 polymer 'Dehydrosqualene synthase'
2 non-polymer 'MAGNESIUM ION'
3 non-polymer '2-({2-chloro-6-[(2,4-dichlorophenyl)sulfanyl]benzyl}carbamoyl)benzoic acid'
4 water water
#
_entity_poly.entity_id   1
_entity_poly.type   'polypeptide(L)'
_entity_poly.pdbx_seq_one_letter_code
;AAAAAAMTMMDMNFKYCHKIMKKHSKSFSYAFDLLPEDQRKAVWAIYAVCRKIDDSIDVYGDIQFLNQIKEDIQSIEKYP
YEYHHFQSDRRIMMALQHVAQHKNIAFQSFYNLIDTVYKDQHFTMFETDAELFGYCYGVAGTVGEVLTPILSDHETHQTY
DVARRLGESLQLINILRDVGEDFENERIYFSKQRLKQYEVDIAEVYQNGVNNHYIDLWEYYAAIAEKDFRDVMDQIKVFS
IEAQPIIELAARIYIEILDEVRQANYTLHERVFVEKRKKAKLFHEINSKYHRI
;
_entity_poly.pdbx_strand_id   A
#
# COMPACT_ATOMS: atom_id res chain seq x y z
N MET A 7 -21.94 -21.25 3.95
CA MET A 7 -20.99 -20.28 4.50
C MET A 7 -21.57 -19.55 5.71
N THR A 8 -20.72 -19.24 6.69
CA THR A 8 -21.16 -18.55 7.89
C THR A 8 -21.19 -17.03 7.68
N MET A 9 -21.78 -16.32 8.62
CA MET A 9 -21.78 -14.86 8.60
C MET A 9 -20.37 -14.31 8.50
N MET A 10 -19.46 -14.85 9.32
CA MET A 10 -18.09 -14.37 9.31
C MET A 10 -17.43 -14.69 7.96
N ASP A 11 -17.76 -15.84 7.37
CA ASP A 11 -17.28 -16.14 6.02
C ASP A 11 -17.66 -15.03 5.05
N MET A 12 -18.90 -14.57 5.15
CA MET A 12 -19.42 -13.52 4.27
C MET A 12 -18.65 -12.22 4.44
N ASN A 13 -18.38 -11.82 5.68
CA ASN A 13 -17.60 -10.62 5.96
C ASN A 13 -16.25 -10.66 5.26
N PHE A 14 -15.52 -11.77 5.43
CA PHE A 14 -14.22 -11.93 4.79
C PHE A 14 -14.33 -11.94 3.26
N LYS A 15 -15.35 -12.57 2.71
CA LYS A 15 -15.48 -12.61 1.25
C LYS A 15 -15.66 -11.19 0.72
N TYR A 16 -16.37 -10.38 1.49
CA TYR A 16 -16.55 -8.98 1.12
C TYR A 16 -15.22 -8.21 1.17
N CYS A 17 -14.42 -8.45 2.20
CA CYS A 17 -13.10 -7.83 2.29
C CYS A 17 -12.24 -8.23 1.08
N HIS A 18 -12.33 -9.49 0.70
CA HIS A 18 -11.61 -9.98 -0.48
C HIS A 18 -12.02 -9.25 -1.76
N LYS A 19 -13.33 -9.09 -1.95
CA LYS A 19 -13.87 -8.35 -3.09
C LYS A 19 -13.25 -6.96 -3.19
N ILE A 20 -13.16 -6.28 -2.05
CA ILE A 20 -12.61 -4.93 -2.01
C ILE A 20 -11.14 -4.92 -2.45
N MET A 21 -10.40 -5.93 -2.01
CA MET A 21 -8.98 -6.01 -2.34
C MET A 21 -8.73 -6.33 -3.80
N LYS A 22 -9.43 -7.32 -4.33
CA LYS A 22 -9.26 -7.72 -5.72
C LYS A 22 -9.69 -6.60 -6.67
N LYS A 23 -10.74 -5.88 -6.30
CA LYS A 23 -11.20 -4.75 -7.08
C LYS A 23 -10.15 -3.63 -7.15
N HIS A 24 -9.52 -3.35 -6.02
CA HIS A 24 -8.54 -2.27 -5.97
C HIS A 24 -7.17 -2.61 -6.56
N SER A 25 -6.69 -3.84 -6.33
CA SER A 25 -5.36 -4.23 -6.81
C SER A 25 -5.28 -5.68 -7.25
N LYS A 26 -5.21 -5.90 -8.55
CA LYS A 26 -5.06 -7.26 -9.06
C LYS A 26 -3.72 -7.85 -8.66
N SER A 27 -2.69 -7.01 -8.60
CA SER A 27 -1.35 -7.47 -8.25
C SER A 27 -1.29 -8.02 -6.83
N PHE A 28 -1.71 -7.20 -5.86
CA PHE A 28 -1.68 -7.61 -4.46
C PHE A 28 -2.59 -8.78 -4.18
N SER A 29 -3.78 -8.77 -4.77
CA SER A 29 -4.69 -9.88 -4.57
C SER A 29 -4.08 -11.15 -5.13
N TYR A 30 -3.51 -11.06 -6.33
CA TYR A 30 -2.87 -12.22 -6.96
C TYR A 30 -1.87 -12.86 -6.01
N ALA A 31 -0.97 -12.05 -5.46
CA ALA A 31 0.06 -12.57 -4.55
C ALA A 31 -0.51 -13.06 -3.22
N PHE A 32 -1.21 -12.17 -2.51
CA PHE A 32 -1.67 -12.48 -1.16
C PHE A 32 -2.72 -13.59 -1.08
N ASP A 33 -3.49 -13.78 -2.15
CA ASP A 33 -4.44 -14.89 -2.18
C ASP A 33 -3.75 -16.24 -2.15
N LEU A 34 -2.42 -16.26 -2.31
CA LEU A 34 -1.65 -17.50 -2.30
C LEU A 34 -1.25 -17.90 -0.89
N LEU A 35 -1.46 -17.02 0.09
CA LEU A 35 -1.20 -17.33 1.48
C LEU A 35 -2.14 -18.43 1.97
N PRO A 36 -1.75 -19.13 3.05
CA PRO A 36 -2.63 -20.13 3.66
C PRO A 36 -3.92 -19.46 4.13
N GLU A 37 -5.00 -20.23 4.23
CA GLU A 37 -6.33 -19.68 4.45
C GLU A 37 -6.43 -18.63 5.56
N ASP A 38 -6.00 -18.97 6.77
CA ASP A 38 -6.16 -18.03 7.89
C ASP A 38 -5.35 -16.74 7.74
N GLN A 39 -4.18 -16.84 7.12
CA GLN A 39 -3.34 -15.67 6.95
C GLN A 39 -3.87 -14.75 5.86
N ARG A 40 -4.31 -15.32 4.74
CA ARG A 40 -4.85 -14.51 3.66
C ARG A 40 -6.15 -13.80 4.06
N LYS A 41 -6.97 -14.45 4.88
CA LYS A 41 -8.20 -13.82 5.35
C LYS A 41 -7.87 -12.58 6.19
N ALA A 42 -6.86 -12.71 7.05
CA ALA A 42 -6.43 -11.59 7.88
C ALA A 42 -5.92 -10.43 7.02
N VAL A 43 -5.20 -10.75 5.95
CA VAL A 43 -4.73 -9.72 5.01
C VAL A 43 -5.89 -9.03 4.32
N TRP A 44 -6.90 -9.80 3.89
CA TRP A 44 -8.10 -9.23 3.27
C TRP A 44 -8.74 -8.17 4.18
N ALA A 45 -8.90 -8.51 5.44
CA ALA A 45 -9.54 -7.62 6.39
C ALA A 45 -8.73 -6.33 6.59
N ILE A 46 -7.43 -6.48 6.77
CA ILE A 46 -6.57 -5.31 6.96
C ILE A 46 -6.56 -4.44 5.71
N TYR A 47 -6.49 -5.09 4.55
CA TYR A 47 -6.55 -4.39 3.28
C TYR A 47 -7.85 -3.62 3.10
N ALA A 48 -8.96 -4.25 3.47
CA ALA A 48 -10.25 -3.59 3.29
C ALA A 48 -10.37 -2.39 4.22
N VAL A 49 -9.88 -2.52 5.46
CA VAL A 49 -9.92 -1.41 6.40
C VAL A 49 -9.10 -0.22 5.87
N CYS A 50 -7.89 -0.49 5.39
CA CYS A 50 -7.05 0.59 4.90
C CYS A 50 -7.63 1.26 3.65
N ARG A 51 -8.22 0.47 2.76
CA ARG A 51 -8.93 1.00 1.59
C ARG A 51 -10.08 1.92 1.98
N LYS A 52 -10.91 1.49 2.92
CA LYS A 52 -12.03 2.28 3.40
C LYS A 52 -11.55 3.61 3.96
N ILE A 53 -10.42 3.57 4.66
CA ILE A 53 -9.83 4.77 5.23
C ILE A 53 -9.40 5.74 4.10
N ASP A 54 -8.72 5.21 3.09
CA ASP A 54 -8.25 6.04 1.98
CA ASP A 54 -8.26 6.04 1.98
C ASP A 54 -9.40 6.65 1.20
N ASP A 55 -10.52 5.91 1.10
CA ASP A 55 -11.68 6.37 0.34
C ASP A 55 -12.66 7.20 1.17
N SER A 56 -12.41 7.30 2.47
CA SER A 56 -13.41 7.82 3.40
C SER A 56 -13.89 9.25 3.11
N ILE A 57 -12.95 10.12 2.78
CA ILE A 57 -13.28 11.54 2.67
C ILE A 57 -14.30 11.81 1.57
N ASP A 58 -14.20 11.06 0.48
CA ASP A 58 -15.07 11.29 -0.66
C ASP A 58 -16.50 10.76 -0.52
N VAL A 59 -16.80 10.05 0.57
CA VAL A 59 -18.16 9.56 0.76
C VAL A 59 -19.17 10.70 0.84
N TYR A 60 -18.94 11.63 1.77
CA TYR A 60 -19.77 12.84 1.88
C TYR A 60 -19.01 14.07 1.41
N GLY A 61 -17.68 14.03 1.52
CA GLY A 61 -16.87 15.19 1.19
C GLY A 61 -16.20 15.83 2.40
N ASP A 62 -16.32 15.20 3.57
CA ASP A 62 -15.62 15.66 4.77
C ASP A 62 -15.20 14.48 5.65
N ILE A 63 -14.83 14.75 6.91
CA ILE A 63 -14.23 13.72 7.75
C ILE A 63 -15.19 12.86 8.58
N GLN A 64 -16.49 13.02 8.36
CA GLN A 64 -17.52 12.25 9.05
C GLN A 64 -17.24 10.75 9.10
N PHE A 65 -17.19 10.14 7.93
CA PHE A 65 -17.03 8.70 7.82
C PHE A 65 -15.68 8.25 8.39
N LEU A 66 -14.64 9.06 8.17
CA LEU A 66 -13.33 8.71 8.70
C LEU A 66 -13.33 8.71 10.23
N ASN A 67 -13.99 9.70 10.83
CA ASN A 67 -14.15 9.72 12.29
C ASN A 67 -14.85 8.46 12.80
N GLN A 68 -15.87 8.01 12.06
CA GLN A 68 -16.59 6.81 12.43
C GLN A 68 -15.70 5.56 12.32
N ILE A 69 -14.94 5.47 11.23
CA ILE A 69 -13.97 4.39 11.09
C ILE A 69 -13.01 4.38 12.27
N LYS A 70 -12.46 5.54 12.60
CA LYS A 70 -11.52 5.63 13.71
C LYS A 70 -12.14 5.14 15.02
N GLU A 71 -13.35 5.58 15.31
CA GLU A 71 -14.01 5.16 16.53
C GLU A 71 -14.26 3.64 16.57
N ASP A 72 -14.56 3.06 15.42
CA ASP A 72 -14.73 1.62 15.34
C ASP A 72 -13.45 0.90 15.69
N ILE A 73 -12.34 1.35 15.11
CA ILE A 73 -11.06 0.74 15.39
C ILE A 73 -10.67 0.89 16.88
N GLN A 74 -11.00 2.04 17.46
CA GLN A 74 -10.74 2.27 18.87
C GLN A 74 -11.57 1.33 19.76
N SER A 75 -12.80 1.05 19.33
CA SER A 75 -13.67 0.12 20.07
C SER A 75 -13.04 -1.26 20.12
N ILE A 76 -12.50 -1.70 18.99
CA ILE A 76 -11.88 -3.01 18.90
C ILE A 76 -10.62 -3.04 19.76
N GLU A 77 -9.83 -1.97 19.69
CA GLU A 77 -8.62 -1.90 20.50
C GLU A 77 -8.96 -2.03 21.98
N LYS A 78 -9.96 -1.27 22.41
CA LYS A 78 -10.29 -1.15 23.83
C LYS A 78 -11.06 -2.36 24.36
N TYR A 79 -11.98 -2.88 23.56
CA TYR A 79 -12.77 -4.05 23.94
C TYR A 79 -12.81 -5.10 22.85
N PRO A 80 -11.71 -5.83 22.66
CA PRO A 80 -11.57 -6.79 21.57
C PRO A 80 -12.66 -7.86 21.57
N TYR A 81 -13.15 -8.23 22.74
CA TYR A 81 -14.08 -9.37 22.87
C TYR A 81 -15.54 -8.98 23.18
N GLU A 82 -15.85 -7.70 23.15
CA GLU A 82 -17.23 -7.28 23.36
C GLU A 82 -17.91 -7.13 22.03
N TYR A 83 -19.23 -7.34 22.03
CA TYR A 83 -20.02 -7.06 20.84
C TYR A 83 -20.16 -5.56 20.61
N HIS A 84 -19.86 -5.12 19.39
CA HIS A 84 -19.92 -3.71 19.06
C HIS A 84 -20.92 -3.48 17.94
N HIS A 85 -21.70 -2.41 18.07
CA HIS A 85 -22.51 -1.91 16.96
C HIS A 85 -21.69 -0.88 16.19
N PHE A 86 -21.04 -1.34 15.14
CA PHE A 86 -20.09 -0.48 14.43
C PHE A 86 -20.75 0.67 13.68
N GLN A 87 -20.07 1.82 13.66
CA GLN A 87 -20.60 3.02 13.03
C GLN A 87 -20.27 3.12 11.54
N SER A 88 -19.27 2.39 11.08
CA SER A 88 -18.89 2.53 9.68
C SER A 88 -19.31 1.33 8.84
N ASP A 89 -18.35 0.55 8.37
CA ASP A 89 -18.66 -0.63 7.57
C ASP A 89 -18.66 -1.86 8.47
N ARG A 90 -19.84 -2.38 8.81
CA ARG A 90 -19.92 -3.47 9.79
C ARG A 90 -19.16 -4.72 9.36
N ARG A 91 -19.33 -5.12 8.11
CA ARG A 91 -18.69 -6.32 7.60
C ARG A 91 -17.17 -6.25 7.79
N ILE A 92 -16.58 -5.12 7.43
CA ILE A 92 -15.14 -4.96 7.54
C ILE A 92 -14.72 -4.97 9.01
N MET A 93 -15.45 -4.23 9.84
CA MET A 93 -15.05 -4.10 11.25
C MET A 93 -15.22 -5.42 12.02
N MET A 94 -16.26 -6.18 11.70
CA MET A 94 -16.41 -7.51 12.29
C MET A 94 -15.24 -8.42 11.91
N ALA A 95 -14.80 -8.34 10.65
CA ALA A 95 -13.68 -9.15 10.23
C ALA A 95 -12.40 -8.68 10.91
N LEU A 96 -12.21 -7.36 11.00
CA LEU A 96 -11.04 -6.83 11.70
C LEU A 96 -11.01 -7.28 13.15
N GLN A 97 -12.16 -7.19 13.82
CA GLN A 97 -12.22 -7.63 15.21
C GLN A 97 -11.86 -9.09 15.33
N HIS A 98 -12.26 -9.88 14.33
CA HIS A 98 -11.98 -11.31 14.38
C HIS A 98 -10.47 -11.53 14.32
N VAL A 99 -9.81 -10.78 13.44
CA VAL A 99 -8.37 -10.84 13.32
C VAL A 99 -7.69 -10.41 14.63
N ALA A 100 -8.19 -9.34 15.23
CA ALA A 100 -7.58 -8.74 16.41
C ALA A 100 -7.62 -9.69 17.60
N GLN A 101 -8.61 -10.57 17.61
CA GLN A 101 -8.72 -11.57 18.66
C GLN A 101 -7.66 -12.66 18.54
N HIS A 102 -7.07 -12.78 17.36
CA HIS A 102 -6.08 -13.84 17.13
C HIS A 102 -4.67 -13.33 16.91
N LYS A 103 -4.53 -12.05 16.59
CA LYS A 103 -3.22 -11.47 16.27
C LYS A 103 -3.01 -10.15 17.02
N ASN A 104 -1.75 -9.83 17.30
CA ASN A 104 -1.38 -8.58 17.93
C ASN A 104 -1.31 -7.46 16.90
N ILE A 105 -2.41 -6.72 16.77
CA ILE A 105 -2.48 -5.63 15.79
C ILE A 105 -1.86 -4.34 16.34
N ALA A 106 -1.00 -3.70 15.54
CA ALA A 106 -0.43 -2.41 15.93
C ALA A 106 -1.42 -1.29 15.65
N PHE A 107 -2.30 -1.03 16.61
CA PHE A 107 -3.35 -0.04 16.42
C PHE A 107 -2.82 1.37 16.13
N GLN A 108 -1.69 1.74 16.72
CA GLN A 108 -1.16 3.10 16.51
C GLN A 108 -0.77 3.28 15.04
N SER A 109 -0.48 2.17 14.38
CA SER A 109 -0.16 2.22 12.96
C SER A 109 -1.38 2.58 12.14
N PHE A 110 -2.55 2.08 12.52
CA PHE A 110 -3.82 2.50 11.92
C PHE A 110 -4.07 3.99 12.19
N TYR A 111 -3.79 4.44 13.42
CA TYR A 111 -4.02 5.84 13.75
C TYR A 111 -3.08 6.76 12.96
N ASN A 112 -1.85 6.31 12.75
CA ASN A 112 -0.90 7.05 11.91
C ASN A 112 -1.38 7.19 10.47
N LEU A 113 -1.90 6.09 9.92
CA LEU A 113 -2.49 6.14 8.59
C LEU A 113 -3.67 7.10 8.53
N ILE A 114 -4.55 7.02 9.53
CA ILE A 114 -5.70 7.91 9.58
C ILE A 114 -5.27 9.38 9.67
N ASP A 115 -4.26 9.66 10.49
CA ASP A 115 -3.77 11.02 10.62
C ASP A 115 -3.18 11.55 9.31
N THR A 116 -2.56 10.66 8.54
CA THR A 116 -2.02 11.04 7.24
C THR A 116 -3.15 11.39 6.26
N VAL A 117 -4.24 10.62 6.29
CA VAL A 117 -5.40 10.92 5.46
C VAL A 117 -6.06 12.25 5.84
N TYR A 118 -6.24 12.51 7.14
CA TYR A 118 -6.75 13.81 7.62
C TYR A 118 -5.92 14.93 7.01
N LYS A 119 -4.61 14.78 7.14
CA LYS A 119 -3.62 15.77 6.73
C LYS A 119 -3.74 16.03 5.25
N ASP A 120 -4.08 14.99 4.50
CA ASP A 120 -4.13 15.07 3.05
C ASP A 120 -5.25 15.98 2.55
N GLN A 121 -6.19 16.33 3.44
CA GLN A 121 -7.22 17.29 3.10
C GLN A 121 -6.63 18.66 2.80
N HIS A 122 -5.53 18.99 3.47
CA HIS A 122 -4.87 20.28 3.27
C HIS A 122 -3.52 20.04 2.63
N PHE A 123 -3.51 19.19 1.61
CA PHE A 123 -2.28 18.83 0.93
C PHE A 123 -1.56 20.05 0.40
N THR A 124 -0.29 20.16 0.75
CA THR A 124 0.61 21.09 0.08
C THR A 124 1.79 20.23 -0.34
N MET A 125 2.40 20.60 -1.46
CA MET A 125 3.50 19.81 -1.98
C MET A 125 4.62 19.69 -0.96
N PHE A 126 5.38 18.60 -1.07
CA PHE A 126 6.49 18.36 -0.16
C PHE A 126 7.66 19.25 -0.54
N GLU A 127 8.27 19.88 0.46
CA GLU A 127 9.41 20.74 0.23
C GLU A 127 10.65 19.90 -0.05
N THR A 128 10.77 18.79 0.68
CA THR A 128 11.94 17.95 0.60
C THR A 128 11.58 16.48 0.47
N ASP A 129 12.55 15.68 0.05
CA ASP A 129 12.33 14.24 -0.07
C ASP A 129 12.04 13.61 1.29
N ALA A 130 12.59 14.18 2.37
CA ALA A 130 12.31 13.71 3.72
C ALA A 130 10.81 13.76 4.02
N GLU A 131 10.16 14.81 3.54
CA GLU A 131 8.72 14.95 3.73
C GLU A 131 7.95 13.97 2.86
N LEU A 132 8.45 13.72 1.65
CA LEU A 132 7.86 12.71 0.77
C LEU A 132 7.96 11.33 1.41
N PHE A 133 9.13 11.01 1.95
CA PHE A 133 9.33 9.72 2.59
C PHE A 133 8.49 9.57 3.86
N GLY A 134 8.27 10.68 4.56
CA GLY A 134 7.38 10.65 5.72
C GLY A 134 5.95 10.35 5.30
N TYR A 135 5.57 10.86 4.14
CA TYR A 135 4.25 10.58 3.60
C TYR A 135 4.15 9.11 3.25
N CYS A 136 5.20 8.56 2.65
CA CYS A 136 5.22 7.15 2.26
C CYS A 136 5.09 6.24 3.49
N TYR A 137 5.79 6.59 4.57
CA TYR A 137 5.57 5.88 5.81
C TYR A 137 4.09 5.94 6.22
N GLY A 138 3.56 7.14 6.27
CA GLY A 138 2.18 7.35 6.71
C GLY A 138 1.13 6.54 5.99
N VAL A 139 1.21 6.44 4.67
CA VAL A 139 0.17 5.73 3.92
C VAL A 139 0.49 4.26 3.65
N ALA A 140 1.75 3.87 3.79
CA ALA A 140 2.14 2.54 3.34
C ALA A 140 3.07 1.80 4.30
N GLY A 141 4.00 2.52 4.93
CA GLY A 141 4.85 1.91 5.94
C GLY A 141 3.98 1.46 7.09
N THR A 142 2.99 2.28 7.43
CA THR A 142 2.03 1.93 8.48
C THR A 142 1.32 0.61 8.17
N VAL A 143 0.91 0.42 6.92
CA VAL A 143 0.25 -0.81 6.48
C VAL A 143 1.17 -2.02 6.65
N GLY A 144 2.44 -1.86 6.30
CA GLY A 144 3.41 -2.93 6.51
C GLY A 144 3.52 -3.31 7.98
N GLU A 145 3.54 -2.30 8.84
CA GLU A 145 3.57 -2.53 10.28
C GLU A 145 2.38 -3.35 10.75
N VAL A 146 1.18 -2.99 10.30
CA VAL A 146 -0.03 -3.72 10.69
C VAL A 146 0.03 -5.16 10.22
N LEU A 147 0.57 -5.38 9.02
CA LEU A 147 0.65 -6.73 8.45
C LEU A 147 1.72 -7.62 9.09
N THR A 148 2.67 -7.01 9.79
CA THR A 148 3.82 -7.74 10.29
C THR A 148 3.50 -9.02 11.08
N PRO A 149 2.57 -8.95 12.05
CA PRO A 149 2.22 -10.14 12.83
C PRO A 149 1.54 -11.21 12.00
N ILE A 150 0.89 -10.81 10.91
CA ILE A 150 0.30 -11.79 10.01
C ILE A 150 1.35 -12.54 9.19
N LEU A 151 2.42 -11.84 8.80
CA LEU A 151 3.38 -12.36 7.85
C LEU A 151 4.64 -12.96 8.49
N SER A 152 4.68 -12.98 9.81
CA SER A 152 5.85 -13.49 10.53
C SER A 152 5.44 -14.20 11.80
N ASP A 153 6.22 -15.20 12.19
CA ASP A 153 5.90 -16.03 13.34
C ASP A 153 6.31 -15.35 14.65
N HIS A 154 7.44 -14.67 14.60
CA HIS A 154 7.99 -13.99 15.76
C HIS A 154 8.44 -12.60 15.34
N GLU A 155 7.64 -11.58 15.65
CA GLU A 155 7.96 -10.24 15.25
C GLU A 155 9.08 -9.68 16.11
N THR A 156 10.03 -9.03 15.46
CA THR A 156 11.09 -8.33 16.15
C THR A 156 11.20 -6.98 15.48
N HIS A 157 12.12 -6.14 15.96
CA HIS A 157 12.27 -4.83 15.36
C HIS A 157 12.68 -4.93 13.90
N GLN A 158 13.42 -5.98 13.54
CA GLN A 158 13.87 -6.14 12.15
C GLN A 158 12.69 -6.42 11.23
N THR A 159 11.72 -7.17 11.75
CA THR A 159 10.57 -7.59 10.96
C THR A 159 9.74 -6.37 10.59
N TYR A 160 9.50 -5.51 11.58
CA TYR A 160 8.79 -4.26 11.35
C TYR A 160 9.58 -3.36 10.40
N ASP A 161 10.90 -3.30 10.59
CA ASP A 161 11.74 -2.46 9.75
C ASP A 161 11.66 -2.85 8.28
N VAL A 162 11.78 -4.15 8.02
CA VAL A 162 11.69 -4.68 6.68
C VAL A 162 10.29 -4.48 6.06
N ALA A 163 9.24 -4.78 6.84
CA ALA A 163 7.88 -4.64 6.35
C ALA A 163 7.55 -3.18 6.06
N ARG A 164 8.09 -2.30 6.89
CA ARG A 164 7.91 -0.87 6.73
C ARG A 164 8.61 -0.38 5.46
N ARG A 165 9.82 -0.88 5.23
CA ARG A 165 10.59 -0.49 4.06
C ARG A 165 9.92 -0.98 2.79
N LEU A 166 9.40 -2.20 2.82
CA LEU A 166 8.69 -2.76 1.69
C LEU A 166 7.50 -1.87 1.35
N GLY A 167 6.69 -1.55 2.36
CA GLY A 167 5.53 -0.72 2.16
C GLY A 167 5.88 0.60 1.51
N GLU A 168 6.94 1.21 2.01
CA GLU A 168 7.32 2.51 1.49
C GLU A 168 7.86 2.43 0.06
N SER A 169 8.47 1.30 -0.28
CA SER A 169 8.97 1.09 -1.64
C SER A 169 7.82 0.89 -2.63
N LEU A 170 6.80 0.14 -2.22
CA LEU A 170 5.61 -0.05 -3.02
C LEU A 170 4.90 1.28 -3.27
N GLN A 171 4.85 2.14 -2.26
CA GLN A 171 4.21 3.44 -2.44
C GLN A 171 4.96 4.32 -3.42
N LEU A 172 6.28 4.25 -3.38
CA LEU A 172 7.09 5.05 -4.29
C LEU A 172 6.83 4.58 -5.73
N ILE A 173 6.71 3.27 -5.91
CA ILE A 173 6.37 2.71 -7.22
C ILE A 173 4.98 3.17 -7.67
N ASN A 174 4.01 3.17 -6.76
CA ASN A 174 2.68 3.69 -7.07
C ASN A 174 2.80 5.12 -7.59
N ILE A 175 3.61 5.91 -6.91
CA ILE A 175 3.79 7.31 -7.28
C ILE A 175 4.37 7.42 -8.69
N LEU A 176 5.36 6.61 -8.97
CA LEU A 176 6.06 6.61 -10.25
C LEU A 176 5.17 6.14 -11.39
N ARG A 177 4.20 5.27 -11.06
CA ARG A 177 3.24 4.79 -12.05
C ARG A 177 2.14 5.82 -12.31
N ASP A 178 1.79 6.60 -11.30
CA ASP A 178 0.57 7.41 -11.36
C ASP A 178 0.82 8.90 -11.51
N VAL A 179 2.02 9.31 -11.92
CA VAL A 179 2.32 10.73 -12.05
C VAL A 179 1.21 11.50 -12.79
N GLY A 180 0.81 11.00 -13.95
CA GLY A 180 -0.20 11.68 -14.75
C GLY A 180 -1.57 11.77 -14.09
N GLU A 181 -2.07 10.64 -13.62
CA GLU A 181 -3.35 10.58 -12.92
C GLU A 181 -3.36 11.46 -11.66
N ASP A 182 -2.27 11.43 -10.90
CA ASP A 182 -2.19 12.26 -9.69
C ASP A 182 -2.22 13.75 -10.04
N PHE A 183 -1.50 14.13 -11.09
CA PHE A 183 -1.51 15.52 -11.52
C PHE A 183 -2.94 15.96 -11.85
N GLU A 184 -3.67 15.14 -12.59
CA GLU A 184 -5.07 15.46 -12.90
C GLU A 184 -5.88 15.71 -11.64
N ASN A 185 -5.53 15.01 -10.56
CA ASN A 185 -6.23 15.15 -9.29
C ASN A 185 -5.58 16.20 -8.41
N GLU A 186 -4.80 17.07 -9.04
CA GLU A 186 -4.14 18.17 -8.34
C GLU A 186 -3.19 17.69 -7.24
N ARG A 187 -2.50 16.59 -7.51
CA ARG A 187 -1.48 16.09 -6.59
C ARG A 187 -0.15 15.85 -7.32
N ILE A 188 0.92 16.37 -6.74
CA ILE A 188 2.27 16.05 -7.19
C ILE A 188 3.06 15.59 -5.97
N TYR A 189 3.69 14.43 -6.07
CA TYR A 189 4.37 13.84 -4.91
C TYR A 189 5.88 13.99 -4.93
N PHE A 190 6.44 14.27 -6.10
CA PHE A 190 7.85 14.61 -6.18
C PHE A 190 8.09 15.88 -5.36
N SER A 191 9.24 15.96 -4.67
CA SER A 191 9.50 17.12 -3.81
C SER A 191 9.88 18.37 -4.59
N LYS A 192 9.53 19.53 -4.05
CA LYS A 192 9.89 20.80 -4.67
C LYS A 192 11.41 20.94 -4.83
N GLN A 193 12.16 20.42 -3.86
CA GLN A 193 13.61 20.47 -3.95
C GLN A 193 14.10 19.71 -5.18
N ARG A 194 13.62 18.48 -5.32
CA ARG A 194 14.06 17.62 -6.41
C ARG A 194 13.57 18.13 -7.78
N LEU A 195 12.35 18.65 -7.82
CA LEU A 195 11.80 19.21 -9.06
C LEU A 195 12.64 20.39 -9.53
N LYS A 196 13.05 21.22 -8.59
CA LYS A 196 13.87 22.40 -8.90
C LYS A 196 15.27 21.98 -9.34
N GLN A 197 15.86 21.03 -8.63
CA GLN A 197 17.18 20.53 -8.96
C GLN A 197 17.25 19.93 -10.37
N TYR A 198 16.14 19.36 -10.83
CA TYR A 198 16.14 18.70 -12.13
C TYR A 198 15.51 19.57 -13.21
N GLU A 199 15.04 20.74 -12.83
CA GLU A 199 14.38 21.67 -13.74
C GLU A 199 13.16 21.05 -14.39
N VAL A 200 12.26 20.52 -13.57
CA VAL A 200 11.08 19.82 -14.07
C VAL A 200 9.82 20.53 -13.59
N ASP A 201 8.84 20.67 -14.49
CA ASP A 201 7.54 21.25 -14.17
C ASP A 201 6.48 20.24 -14.63
N ILE A 202 5.84 19.56 -13.68
CA ILE A 202 4.92 18.48 -14.03
C ILE A 202 3.82 18.95 -14.97
N ALA A 203 3.26 20.12 -14.69
CA ALA A 203 2.22 20.69 -15.55
C ALA A 203 2.77 20.84 -16.97
N GLU A 204 4.01 21.30 -17.08
CA GLU A 204 4.65 21.49 -18.38
C GLU A 204 4.84 20.15 -19.09
N VAL A 205 5.33 19.17 -18.35
CA VAL A 205 5.50 17.82 -18.89
C VAL A 205 4.15 17.20 -19.27
N TYR A 206 3.14 17.43 -18.45
CA TYR A 206 1.81 16.90 -18.75
C TYR A 206 1.25 17.46 -20.07
N GLN A 207 1.61 18.69 -20.39
CA GLN A 207 1.08 19.33 -21.61
C GLN A 207 1.94 19.03 -22.84
N ASN A 208 3.25 18.97 -22.66
CA ASN A 208 4.17 18.90 -23.78
C ASN A 208 4.93 17.59 -23.90
N GLY A 209 4.66 16.66 -23.00
CA GLY A 209 5.30 15.35 -23.07
C GLY A 209 6.60 15.27 -22.32
N VAL A 210 7.16 14.06 -22.30
CA VAL A 210 8.35 13.79 -21.52
C VAL A 210 9.53 14.57 -22.10
N ASN A 211 10.58 14.70 -21.31
CA ASN A 211 11.85 15.23 -21.79
C ASN A 211 12.97 14.63 -20.95
N ASN A 212 14.21 14.94 -21.29
CA ASN A 212 15.35 14.35 -20.58
C ASN A 212 15.43 14.70 -19.10
N HIS A 213 15.08 15.93 -18.74
CA HIS A 213 15.09 16.32 -17.33
C HIS A 213 14.07 15.48 -16.55
N TYR A 214 12.87 15.33 -17.10
CA TYR A 214 11.85 14.55 -16.41
C TYR A 214 12.31 13.10 -16.22
N ILE A 215 12.85 12.50 -17.27
CA ILE A 215 13.27 11.11 -17.20
C ILE A 215 14.34 10.92 -16.14
N ASP A 216 15.26 11.87 -16.04
CA ASP A 216 16.30 11.82 -15.02
C ASP A 216 15.69 11.91 -13.61
N LEU A 217 14.72 12.80 -13.43
CA LEU A 217 14.06 12.92 -12.13
C LEU A 217 13.34 11.63 -11.79
N TRP A 218 12.60 11.10 -12.75
CA TRP A 218 11.85 9.88 -12.55
C TRP A 218 12.79 8.72 -12.17
N GLU A 219 13.88 8.57 -12.91
CA GLU A 219 14.84 7.50 -12.64
C GLU A 219 15.56 7.69 -11.31
N TYR A 220 15.69 8.93 -10.85
CA TYR A 220 16.28 9.17 -9.54
C TYR A 220 15.46 8.49 -8.45
N TYR A 221 14.15 8.71 -8.48
CA TYR A 221 13.26 8.06 -7.52
C TYR A 221 13.14 6.57 -7.76
N ALA A 222 13.13 6.15 -9.03
CA ALA A 222 13.09 4.72 -9.34
C ALA A 222 14.29 3.97 -8.77
N ALA A 223 15.46 4.62 -8.78
CA ALA A 223 16.66 3.99 -8.21
C ALA A 223 16.51 3.77 -6.71
N ILE A 224 15.81 4.69 -6.04
CA ILE A 224 15.55 4.58 -4.62
C ILE A 224 14.66 3.38 -4.33
N ALA A 225 13.54 3.30 -5.04
CA ALA A 225 12.61 2.19 -4.88
C ALA A 225 13.30 0.87 -5.13
N GLU A 226 14.12 0.83 -6.18
CA GLU A 226 14.86 -0.38 -6.55
C GLU A 226 15.86 -0.82 -5.48
N LYS A 227 16.58 0.12 -4.88
CA LYS A 227 17.54 -0.23 -3.83
C LYS A 227 16.82 -0.71 -2.58
N ASP A 228 15.70 -0.08 -2.25
CA ASP A 228 14.93 -0.49 -1.09
C ASP A 228 14.45 -1.93 -1.28
N PHE A 229 13.90 -2.21 -2.46
CA PHE A 229 13.43 -3.54 -2.84
C PHE A 229 14.51 -4.59 -2.67
N ARG A 230 15.72 -4.28 -3.14
CA ARG A 230 16.84 -5.20 -2.99
C ARG A 230 17.16 -5.46 -1.51
N ASP A 231 17.09 -4.41 -0.69
CA ASP A 231 17.34 -4.57 0.73
C ASP A 231 16.27 -5.39 1.43
N VAL A 232 15.02 -5.25 1.01
CA VAL A 232 13.95 -6.11 1.51
C VAL A 232 14.21 -7.56 1.10
N MET A 233 14.62 -7.78 -0.15
CA MET A 233 14.89 -9.13 -0.63
C MET A 233 16.04 -9.79 0.14
N ASP A 234 17.07 -9.02 0.48
CA ASP A 234 18.20 -9.56 1.24
C ASP A 234 17.80 -9.93 2.67
N GLN A 235 16.69 -9.38 3.14
CA GLN A 235 16.22 -9.65 4.50
C GLN A 235 14.89 -10.41 4.53
N ILE A 236 14.60 -11.12 3.45
CA ILE A 236 13.32 -11.82 3.31
C ILE A 236 13.05 -12.84 4.42
N LYS A 237 14.12 -13.33 5.05
CA LYS A 237 13.96 -14.40 6.04
C LYS A 237 13.33 -13.96 7.38
N VAL A 238 13.10 -12.66 7.55
CA VAL A 238 12.40 -12.21 8.75
C VAL A 238 10.96 -12.70 8.70
N PHE A 239 10.49 -13.08 7.51
CA PHE A 239 9.10 -13.49 7.34
C PHE A 239 8.92 -15.00 7.46
N SER A 240 7.68 -15.42 7.73
CA SER A 240 7.39 -16.84 7.84
C SER A 240 7.75 -17.52 6.54
N ILE A 241 8.07 -18.81 6.61
CA ILE A 241 8.47 -19.54 5.42
C ILE A 241 7.40 -19.48 4.34
N GLU A 242 6.12 -19.56 4.73
CA GLU A 242 5.02 -19.51 3.78
C GLU A 242 4.82 -18.14 3.13
N ALA A 243 5.18 -17.08 3.85
CA ALA A 243 4.96 -15.74 3.36
C ALA A 243 6.10 -15.27 2.46
N GLN A 244 7.27 -15.88 2.64
CA GLN A 244 8.46 -15.43 1.92
C GLN A 244 8.28 -15.39 0.40
N PRO A 245 7.82 -16.50 -0.21
CA PRO A 245 7.63 -16.46 -1.67
C PRO A 245 6.52 -15.49 -2.09
N ILE A 246 5.52 -15.31 -1.25
CA ILE A 246 4.40 -14.41 -1.56
C ILE A 246 4.87 -12.96 -1.57
N ILE A 247 5.65 -12.59 -0.55
CA ILE A 247 6.17 -11.24 -0.47
C ILE A 247 7.17 -10.97 -1.58
N GLU A 248 8.00 -11.97 -1.87
CA GLU A 248 8.92 -11.85 -3.00
C GLU A 248 8.16 -11.61 -4.30
N LEU A 249 7.04 -12.30 -4.46
CA LEU A 249 6.21 -12.16 -5.65
C LEU A 249 5.57 -10.78 -5.76
N ALA A 250 4.92 -10.35 -4.67
CA ALA A 250 4.31 -9.02 -4.64
C ALA A 250 5.34 -7.97 -5.02
N ALA A 251 6.53 -8.11 -4.45
CA ALA A 251 7.60 -7.15 -4.67
C ALA A 251 8.05 -7.14 -6.13
N ARG A 252 8.25 -8.34 -6.68
CA ARG A 252 8.75 -8.49 -8.03
C ARG A 252 7.74 -8.01 -9.07
N ILE A 253 6.45 -8.26 -8.82
CA ILE A 253 5.41 -7.70 -9.68
C ILE A 253 5.49 -6.17 -9.69
N TYR A 254 5.70 -5.57 -8.53
CA TYR A 254 5.78 -4.11 -8.46
C TYR A 254 7.05 -3.55 -9.10
N ILE A 255 8.16 -4.27 -8.96
CA ILE A 255 9.36 -3.87 -9.67
C ILE A 255 9.13 -3.85 -11.17
N GLU A 256 8.33 -4.80 -11.66
CA GLU A 256 8.02 -4.90 -13.08
C GLU A 256 7.19 -3.71 -13.57
N ILE A 257 6.44 -3.08 -12.67
CA ILE A 257 5.69 -1.89 -13.05
C ILE A 257 6.64 -0.79 -13.54
N LEU A 258 7.81 -0.70 -12.92
CA LEU A 258 8.79 0.30 -13.34
C LEU A 258 9.20 0.09 -14.79
N ASP A 259 9.43 -1.16 -15.19
CA ASP A 259 9.78 -1.44 -16.58
C ASP A 259 8.61 -1.16 -17.53
N GLU A 260 7.39 -1.41 -17.08
CA GLU A 260 6.23 -1.11 -17.89
C GLU A 260 6.14 0.39 -18.14
N VAL A 261 6.50 1.19 -17.14
CA VAL A 261 6.49 2.64 -17.32
C VAL A 261 7.54 3.03 -18.36
N ARG A 262 8.75 2.48 -18.24
CA ARG A 262 9.81 2.77 -19.19
C ARG A 262 9.42 2.38 -20.61
N GLN A 263 8.82 1.20 -20.76
CA GLN A 263 8.38 0.72 -22.07
C GLN A 263 7.32 1.64 -22.67
N ALA A 264 6.52 2.29 -21.81
CA ALA A 264 5.47 3.17 -22.28
C ALA A 264 6.00 4.61 -22.38
N ASN A 265 7.32 4.73 -22.37
CA ASN A 265 7.98 6.03 -22.49
C ASN A 265 7.55 7.05 -21.43
N TYR A 266 7.28 6.55 -20.22
CA TYR A 266 7.00 7.39 -19.06
C TYR A 266 5.72 8.20 -19.23
N THR A 267 4.80 7.70 -20.03
CA THR A 267 3.59 8.46 -20.37
C THR A 267 2.86 8.95 -19.13
N LEU A 268 2.38 10.19 -19.20
CA LEU A 268 1.57 10.76 -18.14
C LEU A 268 0.07 10.65 -18.46
N HIS A 269 -0.26 9.87 -19.49
CA HIS A 269 -1.65 9.85 -19.96
C HIS A 269 -2.34 8.49 -19.98
N GLU A 270 -1.71 7.49 -19.37
CA GLU A 270 -2.37 6.23 -19.10
C GLU A 270 -1.71 5.54 -17.93
N ARG A 271 -2.43 4.63 -17.30
CA ARG A 271 -1.89 3.86 -16.20
C ARG A 271 -1.39 2.53 -16.73
N VAL A 272 -0.10 2.30 -16.64
CA VAL A 272 0.49 1.06 -17.16
C VAL A 272 0.24 -0.07 -16.15
N PHE A 273 0.43 -1.31 -16.58
CA PHE A 273 0.17 -2.45 -15.71
C PHE A 273 0.94 -3.68 -16.17
N VAL A 274 1.03 -4.68 -15.29
CA VAL A 274 1.69 -5.94 -15.60
C VAL A 274 0.61 -6.97 -15.94
N GLU A 275 0.67 -7.51 -17.15
CA GLU A 275 -0.32 -8.51 -17.59
C GLU A 275 -0.44 -9.64 -16.57
N LYS A 276 -1.66 -10.12 -16.36
CA LYS A 276 -1.88 -11.25 -15.46
C LYS A 276 -1.01 -12.45 -15.83
N ARG A 277 -0.81 -12.68 -17.12
CA ARG A 277 -0.01 -13.82 -17.57
C ARG A 277 1.46 -13.62 -17.19
N LYS A 278 1.90 -12.36 -17.20
CA LYS A 278 3.26 -12.00 -16.82
C LYS A 278 3.49 -12.18 -15.31
N LYS A 279 2.47 -11.91 -14.50
CA LYS A 279 2.53 -12.21 -13.08
C LYS A 279 2.79 -13.69 -12.85
N ALA A 280 2.02 -14.54 -13.54
CA ALA A 280 2.15 -15.99 -13.39
C ALA A 280 3.56 -16.45 -13.72
N LYS A 281 4.15 -15.84 -14.75
CA LYS A 281 5.53 -16.14 -15.13
C LYS A 281 6.49 -15.85 -13.99
N LEU A 282 6.38 -14.66 -13.40
CA LEU A 282 7.25 -14.26 -12.29
C LEU A 282 7.14 -15.22 -11.11
N PHE A 283 5.93 -15.68 -10.82
CA PHE A 283 5.72 -16.61 -9.72
C PHE A 283 6.35 -17.96 -10.03
N HIS A 284 6.26 -18.39 -11.28
CA HIS A 284 6.92 -19.62 -11.68
C HIS A 284 8.41 -19.50 -11.42
N GLU A 285 8.99 -18.37 -11.82
CA GLU A 285 10.41 -18.14 -11.64
C GLU A 285 10.77 -18.12 -10.16
N ILE A 286 9.92 -17.52 -9.35
CA ILE A 286 10.15 -17.45 -7.90
C ILE A 286 10.00 -18.82 -7.24
N ASN A 287 8.85 -19.45 -7.46
CA ASN A 287 8.53 -20.73 -6.85
C ASN A 287 9.60 -21.80 -7.05
N SER A 288 10.24 -21.74 -8.19
CA SER A 288 11.21 -22.76 -8.57
C SER A 288 12.26 -22.72 -7.48
N LYS A 289 12.65 -21.52 -7.10
CA LYS A 289 13.67 -21.29 -6.10
C LYS A 289 13.23 -21.73 -4.71
N TYR A 290 11.92 -21.73 -4.48
CA TYR A 290 11.35 -22.18 -3.21
C TYR A 290 10.88 -23.64 -3.30
#